data_6ML5
#
_entry.id   6ML5
#
_cell.length_a   46.009
_cell.length_b   68.237
_cell.length_c   48.575
_cell.angle_alpha   90.00
_cell.angle_beta   92.54
_cell.angle_gamma   90.00
#
_symmetry.space_group_name_H-M   'P 1 21 1'
#
loop_
_entity.id
_entity.type
_entity.pdbx_description
1 polymer 'Zinc finger and BTB domain-containing protein 24'
2 polymer "DNA (5'-D(*AP*CP*GP*CP*AP*GP*GP*TP*CP*CP*TP*GP*GP*AP*CP*GP*AP*AP*TP*T)-3')"
3 polymer "DNA (5'-D(*TP*AP*AP*TP*TP*CP*GP*TP*CP*CP*AP*GP*GP*AP*CP*CP*TP*GP*CP*G)-3')"
4 non-polymer 'ZINC ION'
5 non-polymer 1,2-ETHANEDIOL
6 water water
#
loop_
_entity_poly.entity_id
_entity_poly.type
_entity_poly.pdbx_seq_one_letter_code
_entity_poly.pdbx_strand_id
1 'polypeptide(L)'
;GPLGSKSFTCDQCGKYFSQKRQLKSHYRVHTGHSLPECSHCHRKFMDVSQLKKHLRTHTGEKPFTCEICGKSFTAKSSLQ
THIRIHRGEKPYSCSICGKCFSDSSAKRRHCILHTGKKPFSCPECGLQFARLDNLKAHLKIHSKEKHTADY
;
A
2 'polydeoxyribonucleotide' (DA)(DC)(DG)(DC)(DA)(DG)(DG)(DT)(DC)(DC)(DT)(DG)(DG)(DA)(DC)(DG)(DA)(DA)(DT)(DT) E
3 'polydeoxyribonucleotide' (DT)(DA)(DA)(DT)(DT)(DC)(DG)(DT)(DC)(DC)(DA)(DG)(DG)(DA)(DC)(DC)(DT)(DG)(DC)(DG) F
#
loop_
_chem_comp.id
_chem_comp.type
_chem_comp.name
_chem_comp.formula
DA DNA linking 2'-DEOXYADENOSINE-5'-MONOPHOSPHATE 'C10 H14 N5 O6 P'
DC DNA linking 2'-DEOXYCYTIDINE-5'-MONOPHOSPHATE 'C9 H14 N3 O7 P'
DG DNA linking 2'-DEOXYGUANOSINE-5'-MONOPHOSPHATE 'C10 H14 N5 O7 P'
DT DNA linking THYMIDINE-5'-MONOPHOSPHATE 'C10 H15 N2 O8 P'
EDO non-polymer 1,2-ETHANEDIOL 'C2 H6 O2'
ZN non-polymer 'ZINC ION' 'Zn 2'
#
# COMPACT_ATOMS: atom_id res chain seq x y z
N GLY A 4 -29.90 17.84 16.83
CA GLY A 4 -28.73 17.37 16.13
C GLY A 4 -28.68 15.85 16.00
N SER A 5 -29.83 15.25 15.74
CA SER A 5 -29.93 13.81 15.61
C SER A 5 -29.49 13.35 14.22
N LYS A 6 -29.33 12.04 14.06
CA LYS A 6 -28.94 11.43 12.80
C LYS A 6 -29.75 10.17 12.60
N SER A 7 -30.51 10.10 11.51
CA SER A 7 -31.41 8.99 11.25
C SER A 7 -31.07 8.17 10.02
N PHE A 8 -30.13 8.63 9.19
CA PHE A 8 -29.74 7.91 7.97
C PHE A 8 -28.45 7.14 8.24
N THR A 9 -28.49 5.83 8.00
CA THR A 9 -27.36 4.95 8.25
C THR A 9 -26.92 4.26 6.97
N CYS A 10 -25.62 4.01 6.87
CA CYS A 10 -25.05 3.27 5.75
C CYS A 10 -25.05 1.79 6.08
N ASP A 11 -25.65 0.99 5.20
CA ASP A 11 -25.74 -0.45 5.43
C ASP A 11 -24.43 -1.18 5.16
N GLN A 12 -23.35 -0.46 4.88
CA GLN A 12 -22.04 -1.05 4.64
C GLN A 12 -21.09 -0.86 5.82
N CYS A 13 -20.90 0.39 6.26
CA CYS A 13 -20.02 0.68 7.38
C CYS A 13 -20.74 1.09 8.65
N GLY A 14 -21.96 1.57 8.56
CA GLY A 14 -22.75 1.91 9.73
C GLY A 14 -22.65 3.34 10.20
N LYS A 15 -22.07 4.24 9.40
CA LYS A 15 -21.94 5.63 9.78
C LYS A 15 -23.30 6.34 9.68
N TYR A 16 -23.48 7.34 10.53
CA TYR A 16 -24.74 8.07 10.63
C TYR A 16 -24.67 9.39 9.86
N PHE A 17 -25.82 9.82 9.36
CA PHE A 17 -25.92 11.07 8.62
C PHE A 17 -27.26 11.72 8.92
N SER A 18 -27.27 13.06 8.93
CA SER A 18 -28.48 13.81 9.24
C SER A 18 -29.40 13.98 8.05
N GLN A 19 -28.88 13.89 6.83
CA GLN A 19 -29.67 14.07 5.62
C GLN A 19 -29.46 12.91 4.67
N LYS A 20 -30.49 12.61 3.89
CA LYS A 20 -30.39 11.55 2.88
C LYS A 20 -29.30 11.86 1.87
N ARG A 21 -29.20 13.13 1.44
CA ARG A 21 -28.19 13.51 0.46
C ARG A 21 -26.78 13.29 1.00
N GLN A 22 -26.58 13.45 2.32
CA GLN A 22 -25.28 13.18 2.90
C GLN A 22 -24.93 11.70 2.85
N LEU A 23 -25.94 10.84 3.03
CA LEU A 23 -25.70 9.41 2.95
C LEU A 23 -25.41 8.96 1.53
N LYS A 24 -26.08 9.56 0.55
CA LYS A 24 -25.86 9.18 -0.84
C LYS A 24 -24.47 9.58 -1.31
N SER A 25 -23.98 10.74 -0.85
CA SER A 25 -22.62 11.17 -1.22
C SER A 25 -21.58 10.25 -0.60
N HIS A 26 -21.78 9.85 0.66
CA HIS A 26 -20.83 8.94 1.30
C HIS A 26 -20.88 7.55 0.69
N TYR A 27 -22.07 7.09 0.27
CA TYR A 27 -22.22 5.75 -0.26
C TYR A 27 -21.40 5.51 -1.52
N ARG A 28 -20.83 6.57 -2.12
CA ARG A 28 -20.01 6.41 -3.30
C ARG A 28 -18.70 5.70 -3.00
N VAL A 29 -18.23 5.73 -1.75
CA VAL A 29 -16.96 5.09 -1.42
C VAL A 29 -17.08 3.57 -1.42
N HIS A 30 -18.29 3.04 -1.34
CA HIS A 30 -18.52 1.59 -1.37
C HIS A 30 -18.84 1.08 -2.77
N THR A 31 -19.57 1.85 -3.56
CA THR A 31 -19.95 1.44 -4.91
C THR A 31 -19.04 2.00 -5.99
N GLY A 32 -18.29 3.07 -5.70
CA GLY A 32 -17.43 3.69 -6.68
C GLY A 32 -18.12 4.65 -7.62
N HIS A 33 -19.45 4.70 -7.61
CA HIS A 33 -20.18 5.56 -8.54
C HIS A 33 -19.87 7.03 -8.26
N SER A 34 -19.58 7.77 -9.33
CA SER A 34 -19.33 9.22 -9.28
C SER A 34 -18.12 9.58 -8.43
N LEU A 35 -17.21 8.64 -8.21
CA LEU A 35 -15.96 8.95 -7.53
C LEU A 35 -14.99 9.61 -8.50
N PRO A 36 -13.98 10.33 -7.99
CA PRO A 36 -12.95 10.89 -8.87
C PRO A 36 -12.30 9.81 -9.73
N GLU A 37 -12.52 9.89 -11.04
CA GLU A 37 -12.07 8.87 -11.98
C GLU A 37 -10.92 9.40 -12.83
N CYS A 38 -9.86 8.60 -12.93
CA CYS A 38 -8.70 8.98 -13.73
C CYS A 38 -9.08 8.99 -15.21
N SER A 39 -8.56 9.97 -15.94
CA SER A 39 -8.84 10.05 -17.38
C SER A 39 -7.95 9.13 -18.19
N HIS A 40 -6.94 8.50 -17.58
CA HIS A 40 -6.02 7.62 -18.28
C HIS A 40 -6.43 6.15 -18.15
N CYS A 41 -6.48 5.64 -16.92
CA CYS A 41 -6.82 4.24 -16.68
C CYS A 41 -8.25 4.04 -16.19
N HIS A 42 -8.98 5.12 -15.90
CA HIS A 42 -10.38 5.07 -15.50
C HIS A 42 -10.57 4.33 -14.17
N ARG A 43 -9.55 4.32 -13.33
CA ARG A 43 -9.71 3.84 -11.96
C ARG A 43 -10.19 4.99 -11.08
N LYS A 44 -10.86 4.64 -10.00
CA LYS A 44 -11.51 5.60 -9.13
C LYS A 44 -10.85 5.65 -7.77
N PHE A 45 -10.95 6.81 -7.11
CA PHE A 45 -10.29 7.04 -5.83
C PHE A 45 -11.23 7.80 -4.92
N MET A 46 -10.80 7.96 -3.66
CA MET A 46 -11.71 8.47 -2.64
C MET A 46 -11.96 9.97 -2.78
N ASP A 47 -10.92 10.75 -3.09
CA ASP A 47 -11.08 12.17 -3.31
C ASP A 47 -10.14 12.61 -4.43
N VAL A 48 -10.24 13.88 -4.80
CA VAL A 48 -9.48 14.37 -5.95
C VAL A 48 -8.00 14.48 -5.64
N SER A 49 -7.63 14.63 -4.37
CA SER A 49 -6.22 14.68 -4.02
C SER A 49 -5.54 13.33 -4.21
N GLN A 50 -6.24 12.25 -3.84
CA GLN A 50 -5.70 10.92 -4.12
C GLN A 50 -5.61 10.65 -5.61
N LEU A 51 -6.52 11.25 -6.40
CA LEU A 51 -6.42 11.12 -7.85
CA LEU A 51 -6.43 11.13 -7.85
C LEU A 51 -5.17 11.80 -8.38
N LYS A 52 -4.86 13.00 -7.89
CA LYS A 52 -3.68 13.72 -8.34
C LYS A 52 -2.40 12.99 -7.98
N LYS A 53 -2.38 12.28 -6.85
CA LYS A 53 -1.22 11.45 -6.52
C LYS A 53 -1.09 10.31 -7.52
N HIS A 54 -2.21 9.71 -7.91
CA HIS A 54 -2.17 8.59 -8.85
C HIS A 54 -1.74 9.04 -10.24
N LEU A 55 -1.98 10.30 -10.59
CA LEU A 55 -1.62 10.80 -11.92
C LEU A 55 -0.11 10.70 -12.16
N ARG A 56 0.70 10.75 -11.10
CA ARG A 56 2.14 10.65 -11.27
C ARG A 56 2.57 9.25 -11.69
N THR A 57 1.72 8.24 -11.49
CA THR A 57 2.04 6.89 -11.95
C THR A 57 2.03 6.78 -13.46
N HIS A 58 1.31 7.67 -14.15
CA HIS A 58 1.30 7.68 -15.61
C HIS A 58 2.33 8.63 -16.19
N THR A 59 2.66 9.72 -15.51
CA THR A 59 3.61 10.70 -16.01
C THR A 59 5.03 10.42 -15.57
N GLY A 60 5.24 9.60 -14.53
CA GLY A 60 6.57 9.35 -14.03
C GLY A 60 7.17 10.49 -13.22
N GLU A 61 6.35 11.46 -12.81
CA GLU A 61 6.86 12.59 -12.04
C GLU A 61 7.23 12.16 -10.64
N LYS A 62 8.42 12.56 -10.19
CA LYS A 62 8.90 12.29 -8.83
C LYS A 62 9.35 13.62 -8.23
N PRO A 63 8.44 14.34 -7.59
CA PRO A 63 8.74 15.70 -7.13
C PRO A 63 9.38 15.79 -5.74
N PHE A 64 9.80 14.68 -5.15
CA PHE A 64 10.42 14.69 -3.82
C PHE A 64 11.83 14.15 -3.95
N THR A 65 12.80 15.06 -4.06
CA THR A 65 14.19 14.70 -4.29
C THR A 65 14.98 14.73 -2.98
N CYS A 66 15.84 13.73 -2.81
CA CYS A 66 16.73 13.68 -1.65
C CYS A 66 17.89 14.64 -1.84
N GLU A 67 18.10 15.51 -0.86
CA GLU A 67 19.18 16.49 -0.93
C GLU A 67 20.56 15.91 -0.61
N ILE A 68 20.62 14.63 -0.26
CA ILE A 68 21.88 13.98 0.09
C ILE A 68 22.50 13.27 -1.10
N CYS A 69 21.70 12.47 -1.82
CA CYS A 69 22.21 11.72 -2.97
C CYS A 69 21.62 12.17 -4.30
N GLY A 70 20.50 12.89 -4.30
CA GLY A 70 19.91 13.40 -5.52
C GLY A 70 18.79 12.57 -6.11
N LYS A 71 18.50 11.41 -5.53
CA LYS A 71 17.43 10.57 -6.06
C LYS A 71 16.06 11.18 -5.73
N SER A 72 15.11 10.99 -6.63
CA SER A 72 13.77 11.51 -6.50
C SER A 72 12.77 10.39 -6.25
N PHE A 73 11.66 10.74 -5.61
CA PHE A 73 10.64 9.78 -5.22
C PHE A 73 9.26 10.33 -5.52
N THR A 74 8.30 9.42 -5.66
CA THR A 74 6.94 9.81 -6.02
C THR A 74 6.15 10.38 -4.85
N ALA A 75 6.51 10.04 -3.62
CA ALA A 75 5.80 10.51 -2.44
C ALA A 75 6.78 10.99 -1.39
N LYS A 76 6.36 11.98 -0.61
CA LYS A 76 7.21 12.50 0.46
C LYS A 76 7.47 11.45 1.53
N SER A 77 6.49 10.59 1.80
CA SER A 77 6.68 9.51 2.76
C SER A 77 7.78 8.56 2.31
N SER A 78 7.87 8.30 1.00
CA SER A 78 8.96 7.47 0.49
C SER A 78 10.30 8.16 0.66
N LEU A 79 10.36 9.48 0.46
CA LEU A 79 11.59 10.22 0.69
C LEU A 79 11.96 10.21 2.16
N GLN A 80 10.97 10.37 3.04
CA GLN A 80 11.23 10.33 4.48
C GLN A 80 11.80 8.98 4.90
N THR A 81 11.27 7.88 4.34
CA THR A 81 11.82 6.56 4.62
C THR A 81 13.22 6.41 4.05
N HIS A 82 13.47 7.00 2.89
CA HIS A 82 14.78 6.87 2.24
C HIS A 82 15.85 7.63 3.02
N ILE A 83 15.50 8.77 3.59
CA ILE A 83 16.49 9.58 4.30
C ILE A 83 17.03 8.85 5.52
N ARG A 84 16.19 8.03 6.16
CA ARG A 84 16.66 7.25 7.31
C ARG A 84 17.77 6.28 6.94
N ILE A 85 17.88 5.91 5.66
CA ILE A 85 18.98 5.04 5.23
C ILE A 85 20.30 5.79 5.33
N HIS A 86 20.35 7.04 4.87
CA HIS A 86 21.58 7.81 4.91
C HIS A 86 22.04 8.04 6.35
N ARG A 87 21.10 8.23 7.27
CA ARG A 87 21.41 8.54 8.66
C ARG A 87 21.51 7.29 9.54
N GLY A 88 21.30 6.11 8.98
CA GLY A 88 21.33 4.90 9.77
C GLY A 88 20.26 4.83 10.84
N GLU A 89 19.13 5.49 10.62
CA GLU A 89 18.05 5.54 11.60
C GLU A 89 17.14 4.34 11.39
N LYS A 90 17.15 3.41 12.35
CA LYS A 90 16.36 2.18 12.30
C LYS A 90 15.43 2.15 13.51
N PRO A 91 14.31 2.86 13.45
CA PRO A 91 13.41 2.89 14.62
C PRO A 91 12.51 1.68 14.75
N TYR A 92 12.35 0.88 13.70
CA TYR A 92 11.47 -0.29 13.72
C TYR A 92 12.28 -1.53 14.08
N SER A 93 11.89 -2.21 15.15
CA SER A 93 12.59 -3.39 15.62
C SER A 93 11.60 -4.52 15.87
N CYS A 94 12.04 -5.75 15.61
CA CYS A 94 11.23 -6.93 15.88
C CYS A 94 11.29 -7.24 17.37
N SER A 95 10.12 -7.29 18.01
CA SER A 95 10.06 -7.54 19.45
C SER A 95 10.39 -8.99 19.80
N ILE A 96 10.54 -9.87 18.81
CA ILE A 96 10.80 -11.28 19.09
C ILE A 96 12.29 -11.58 19.08
N CYS A 97 13.01 -11.13 18.05
CA CYS A 97 14.43 -11.42 17.91
C CYS A 97 15.32 -10.19 18.04
N GLY A 98 14.76 -8.99 17.99
CA GLY A 98 15.54 -7.77 18.15
C GLY A 98 16.10 -7.18 16.89
N LYS A 99 15.82 -7.77 15.73
CA LYS A 99 16.33 -7.23 14.48
C LYS A 99 15.67 -5.89 14.18
N CYS A 100 16.49 -4.89 13.83
N CYS A 100 16.48 -4.89 13.84
CA CYS A 100 16.01 -3.54 13.60
CA CYS A 100 16.01 -3.54 13.60
C CYS A 100 16.06 -3.20 12.12
C CYS A 100 16.04 -3.22 12.11
N PHE A 101 15.14 -2.32 11.70
CA PHE A 101 15.01 -1.93 10.30
C PHE A 101 14.76 -0.43 10.22
N SER A 102 15.24 0.17 9.14
CA SER A 102 14.88 1.54 8.81
C SER A 102 13.55 1.62 8.06
N ASP A 103 13.15 0.55 7.40
CA ASP A 103 11.92 0.49 6.62
C ASP A 103 10.83 -0.19 7.44
N SER A 104 9.65 0.45 7.50
CA SER A 104 8.56 -0.10 8.31
C SER A 104 8.01 -1.37 7.69
N SER A 105 7.97 -1.45 6.36
CA SER A 105 7.45 -2.65 5.71
C SER A 105 8.43 -3.81 5.82
N ALA A 106 9.74 -3.52 5.85
CA ALA A 106 10.72 -4.58 6.03
C ALA A 106 10.59 -5.22 7.40
N LYS A 107 10.28 -4.41 8.43
CA LYS A 107 10.07 -4.95 9.77
C LYS A 107 8.81 -5.79 9.84
N ARG A 108 7.71 -5.28 9.26
CA ARG A 108 6.46 -6.01 9.25
C ARG A 108 6.59 -7.32 8.48
N ARG A 109 7.32 -7.31 7.37
CA ARG A 109 7.53 -8.51 6.58
C ARG A 109 8.40 -9.52 7.33
N HIS A 110 9.38 -9.04 8.09
CA HIS A 110 10.26 -9.94 8.83
C HIS A 110 9.50 -10.64 9.96
N CYS A 111 8.61 -9.92 10.64
CA CYS A 111 7.92 -10.49 11.79
C CYS A 111 7.01 -11.65 11.40
N ILE A 112 6.62 -11.75 10.14
CA ILE A 112 5.77 -12.85 9.70
C ILE A 112 6.55 -14.16 9.71
N LEU A 113 7.87 -14.10 9.53
CA LEU A 113 8.68 -15.31 9.53
C LEU A 113 8.66 -16.05 10.85
N HIS A 114 8.38 -15.35 11.95
CA HIS A 114 8.28 -16.01 13.25
C HIS A 114 7.02 -16.84 13.39
N THR A 115 6.05 -16.66 12.50
CA THR A 115 4.84 -17.47 12.52
C THR A 115 4.98 -18.78 11.74
N GLY A 116 5.94 -18.85 10.81
CA GLY A 116 6.15 -20.07 10.05
C GLY A 116 5.12 -20.35 8.98
N LYS A 117 4.23 -19.40 8.70
CA LYS A 117 3.19 -19.63 7.71
C LYS A 117 3.74 -19.43 6.30
N LYS A 118 3.44 -20.37 5.42
CA LYS A 118 3.87 -20.35 4.02
C LYS A 118 2.65 -20.58 3.15
N PRO A 119 1.83 -19.55 2.93
CA PRO A 119 0.56 -19.72 2.21
C PRO A 119 0.69 -19.72 0.69
N PHE A 120 1.90 -19.71 0.14
CA PHE A 120 2.11 -19.66 -1.30
C PHE A 120 2.77 -20.96 -1.74
N SER A 121 2.00 -21.84 -2.36
CA SER A 121 2.46 -23.15 -2.80
C SER A 121 2.65 -23.18 -4.30
N CYS A 122 3.77 -23.75 -4.74
CA CYS A 122 4.04 -23.84 -6.17
C CYS A 122 3.06 -24.80 -6.83
N PRO A 123 2.37 -24.38 -7.89
CA PRO A 123 1.42 -25.28 -8.56
C PRO A 123 2.07 -26.39 -9.35
N GLU A 124 3.39 -26.36 -9.53
CA GLU A 124 4.09 -27.37 -10.31
C GLU A 124 4.73 -28.47 -9.45
N CYS A 125 5.38 -28.10 -8.35
CA CYS A 125 6.04 -29.08 -7.50
C CYS A 125 5.52 -29.09 -6.06
N GLY A 126 4.75 -28.08 -5.65
CA GLY A 126 4.20 -28.05 -4.32
C GLY A 126 5.05 -27.40 -3.26
N LEU A 127 6.17 -26.78 -3.63
CA LEU A 127 7.02 -26.12 -2.66
C LEU A 127 6.33 -24.88 -2.11
N GLN A 128 6.31 -24.75 -0.79
CA GLN A 128 5.61 -23.66 -0.12
C GLN A 128 6.57 -22.52 0.20
N PHE A 129 6.08 -21.29 0.05
CA PHE A 129 6.87 -20.09 0.31
C PHE A 129 6.10 -19.15 1.22
N ALA A 130 6.84 -18.44 2.06
CA ALA A 130 6.24 -17.43 2.93
C ALA A 130 5.95 -16.13 2.21
N ARG A 131 6.49 -15.94 1.01
CA ARG A 131 6.30 -14.71 0.25
C ARG A 131 5.98 -15.04 -1.20
N LEU A 132 5.13 -14.21 -1.80
CA LEU A 132 4.70 -14.46 -3.18
C LEU A 132 5.82 -14.16 -4.17
N ASP A 133 6.61 -13.12 -3.92
CA ASP A 133 7.65 -12.74 -4.85
C ASP A 133 8.73 -13.83 -4.97
N ASN A 134 8.99 -14.56 -3.88
CA ASN A 134 9.93 -15.68 -3.95
C ASN A 134 9.33 -16.86 -4.71
N LEU A 135 8.02 -17.04 -4.61
CA LEU A 135 7.36 -18.08 -5.41
C LEU A 135 7.37 -17.72 -6.89
N LYS A 136 7.17 -16.44 -7.21
CA LYS A 136 7.21 -16.01 -8.60
C LYS A 136 8.60 -16.21 -9.19
N ALA A 137 9.64 -15.97 -8.39
CA ALA A 137 11.00 -16.23 -8.86
C ALA A 137 11.26 -17.72 -9.00
N HIS A 138 10.69 -18.53 -8.09
CA HIS A 138 10.86 -19.98 -8.18
C HIS A 138 10.18 -20.54 -9.43
N LEU A 139 9.04 -19.99 -9.80
CA LEU A 139 8.33 -20.46 -10.99
C LEU A 139 9.09 -20.13 -12.27
N LYS A 140 9.96 -19.11 -12.25
CA LYS A 140 10.80 -18.84 -13.41
C LYS A 140 11.80 -19.97 -13.63
N ILE A 141 12.22 -20.64 -12.56
CA ILE A 141 13.09 -21.80 -12.71
C ILE A 141 12.33 -22.94 -13.40
N HIS A 142 11.05 -23.12 -13.05
CA HIS A 142 10.23 -24.08 -13.75
C HIS A 142 10.05 -23.70 -15.22
N SER A 143 9.97 -22.39 -15.50
CA SER A 143 9.75 -21.93 -16.86
C SER A 143 10.90 -22.34 -17.78
N LYS A 144 12.13 -22.34 -17.27
CA LYS A 144 13.23 -22.97 -17.99
C LYS A 144 13.06 -24.47 -17.97
N GLU A 145 12.38 -25.03 -18.98
CA GLU A 145 11.98 -26.43 -19.02
C GLU A 145 13.08 -27.39 -18.62
ZN ZN D . -20.57 3.56 4.49
ZN ZN E . -4.88 6.36 -13.91
ZN ZN F . 19.28 9.98 -0.77
ZN ZN G . 12.40 -11.16 14.41
ZN ZN H . 7.93 -25.55 -7.93
C1 EDO I . -2.09 -23.27 -13.82
O1 EDO I . -2.21 -24.35 -14.74
C2 EDO I . -0.63 -22.88 -13.67
O2 EDO I . 0.12 -23.99 -13.16
C1 EDO J . 8.09 -0.68 16.26
O1 EDO J . 9.35 -1.34 16.14
C2 EDO J . 8.32 0.78 16.62
O2 EDO J . 9.03 0.86 17.87
C1 EDO K . -32.78 13.97 11.76
O1 EDO K . -32.33 15.05 12.58
C2 EDO K . -31.57 13.28 11.13
O2 EDO K . -31.99 12.40 10.08
C1 EDO L . 19.08 3.83 -1.40
O1 EDO L . 19.15 4.77 -2.48
C2 EDO L . 20.46 3.61 -0.81
O2 EDO L . 20.97 4.85 -0.30
C1 EDO M . 15.75 -0.29 -6.32
O1 EDO M . 15.53 0.21 -5.00
C2 EDO M . 15.62 -1.81 -6.32
O2 EDO M . 16.58 -2.36 -5.41
#